data_8HLG
#
_entry.id   8HLG
#
_cell.length_a   62.020
_cell.length_b   94.950
_cell.length_c   101.110
_cell.angle_alpha   90.00
_cell.angle_beta   90.00
_cell.angle_gamma   90.00
#
_symmetry.space_group_name_H-M   'C 2 2 21'
#
loop_
_entity.id
_entity.type
_entity.pdbx_description
1 polymer 'Molybdenum cofactor biosynthesis protein D/E'
2 non-polymer 'SULFATE ION'
3 water water
#
_entity_poly.entity_id   1
_entity_poly.type   'polypeptide(L)'
_entity_poly.pdbx_seq_one_letter_code
;MGSSHHHHHHSSGLVPRGSHMAPEDEADADTHCRVTADPLSLSEADAFLVKPEYGAQAYFMGTVRSPNQGQVVEYIDYEA
FAPMAEKVMREAAALARERHGELRVWIEHRTGRLTPAVASIVIGVASPHRRPALEACDFLIEHLKIELPIWKHEADGRGE
HWVKGTTGHDTL
;
_entity_poly.pdbx_strand_id   A,B
#
loop_
_chem_comp.id
_chem_comp.type
_chem_comp.name
_chem_comp.formula
SO4 non-polymer 'SULFATE ION' 'O4 S -2'
#
# COMPACT_ATOMS: atom_id res chain seq x y z
N ALA A 29 -3.59 -16.79 12.18
CA ALA A 29 -4.03 -17.11 10.81
C ALA A 29 -4.50 -15.86 10.07
N ASP A 30 -4.94 -14.82 10.80
CA ASP A 30 -5.29 -13.54 10.21
C ASP A 30 -4.20 -12.49 10.40
N THR A 31 -3.07 -12.88 10.97
CA THR A 31 -2.01 -11.93 11.30
C THR A 31 -0.67 -12.55 10.96
N HIS A 32 0.20 -11.77 10.34
CA HIS A 32 1.56 -12.20 10.07
C HIS A 32 2.49 -11.10 10.55
N CYS A 33 3.32 -11.42 11.54
CA CYS A 33 4.27 -10.48 12.13
C CYS A 33 5.63 -11.16 12.18
N ARG A 34 6.60 -10.64 11.44
CA ARG A 34 7.86 -11.33 11.29
C ARG A 34 9.00 -10.33 11.23
N VAL A 35 10.04 -10.58 12.01
CA VAL A 35 11.31 -9.86 11.89
C VAL A 35 12.30 -10.82 11.24
N THR A 36 12.97 -10.36 10.17
CA THR A 36 13.76 -11.26 9.35
C THR A 36 14.93 -10.52 8.74
N ALA A 37 15.98 -11.27 8.39
CA ALA A 37 17.07 -10.75 7.58
C ALA A 37 16.81 -10.88 6.09
N ASP A 38 15.79 -11.64 5.69
CA ASP A 38 15.47 -11.84 4.29
C ASP A 38 14.83 -10.60 3.67
N PRO A 39 14.98 -10.41 2.36
CA PRO A 39 14.32 -9.28 1.71
C PRO A 39 12.81 -9.32 1.93
N LEU A 40 12.22 -8.14 2.05
CA LEU A 40 10.77 -8.03 2.21
C LEU A 40 10.13 -7.90 0.83
N SER A 41 8.95 -8.52 0.68
CA SER A 41 8.27 -8.64 -0.59
C SER A 41 6.84 -8.15 -0.46
N LEU A 42 6.42 -7.23 -1.34
CA LEU A 42 5.00 -6.88 -1.40
C LEU A 42 4.16 -8.03 -1.93
N SER A 43 4.70 -8.81 -2.88
CA SER A 43 3.90 -9.89 -3.47
C SER A 43 3.57 -10.95 -2.43
N GLU A 44 4.51 -11.26 -1.53
CA GLU A 44 4.21 -12.18 -0.43
C GLU A 44 3.14 -11.62 0.49
N ALA A 45 3.21 -10.31 0.81
CA ALA A 45 2.17 -9.69 1.60
C ALA A 45 0.81 -9.81 0.91
N ASP A 46 0.77 -9.50 -0.39
CA ASP A 46 -0.48 -9.62 -1.16
C ASP A 46 -1.01 -11.04 -1.15
N ALA A 47 -0.13 -12.03 -1.28
CA ALA A 47 -0.57 -13.43 -1.28
C ALA A 47 -1.25 -13.80 0.03
N PHE A 48 -0.80 -13.22 1.14
CA PHE A 48 -1.38 -13.50 2.45
C PHE A 48 -2.68 -12.73 2.67
N LEU A 49 -2.75 -11.46 2.24
CA LEU A 49 -3.83 -10.58 2.66
C LEU A 49 -5.10 -10.79 1.86
N VAL A 50 -4.98 -10.97 0.54
CA VAL A 50 -6.14 -10.90 -0.34
C VAL A 50 -7.01 -12.13 -0.13
N LYS A 51 -8.28 -11.90 0.15
CA LYS A 51 -9.33 -12.91 0.24
C LYS A 51 -10.58 -12.31 -0.40
N PRO A 52 -11.49 -13.15 -0.92
CA PRO A 52 -12.68 -12.60 -1.57
C PRO A 52 -13.51 -11.67 -0.69
N GLU A 53 -13.57 -11.90 0.63
CA GLU A 53 -14.42 -11.07 1.48
C GLU A 53 -13.81 -9.70 1.78
N TYR A 54 -12.51 -9.52 1.50
CA TYR A 54 -11.81 -8.28 1.80
C TYR A 54 -11.60 -7.54 0.48
N GLY A 55 -12.41 -6.50 0.27
CA GLY A 55 -12.39 -5.75 -0.97
C GLY A 55 -11.29 -4.73 -1.06
N ALA A 56 -10.47 -4.58 -0.02
CA ALA A 56 -9.51 -3.48 0.05
C ALA A 56 -8.25 -3.94 0.73
N GLN A 57 -7.11 -3.52 0.19
CA GLN A 57 -5.83 -3.69 0.86
C GLN A 57 -5.04 -2.40 0.76
N ALA A 58 -4.43 -1.98 1.86
CA ALA A 58 -3.63 -0.78 1.90
C ALA A 58 -2.25 -1.13 2.44
N TYR A 59 -1.21 -0.54 1.86
CA TYR A 59 0.16 -0.90 2.17
C TYR A 59 1.00 0.34 2.47
N PHE A 60 2.03 0.15 3.28
CA PHE A 60 3.12 1.10 3.39
C PHE A 60 4.43 0.34 3.31
N MET A 61 5.37 0.86 2.51
CA MET A 61 6.72 0.33 2.48
C MET A 61 7.70 1.45 2.77
N GLY A 62 8.61 1.23 3.71
CA GLY A 62 9.70 2.14 3.99
C GLY A 62 11.01 1.55 3.47
N THR A 63 11.76 2.37 2.74
CA THR A 63 13.02 1.99 2.13
C THR A 63 14.11 2.98 2.50
N VAL A 64 15.36 2.55 2.35
CA VAL A 64 16.49 3.40 2.72
C VAL A 64 16.65 4.52 1.70
N ARG A 65 16.67 5.77 2.19
CA ARG A 65 16.68 6.96 1.35
C ARG A 65 18.10 7.48 1.17
N SER A 66 18.44 7.93 -0.06
CA SER A 66 19.84 8.18 -0.41
C SER A 66 20.31 9.61 -0.13
N PRO A 67 19.47 10.65 -0.33
CA PRO A 67 19.79 11.93 0.32
C PRO A 67 18.78 12.21 1.42
N ASN A 68 19.17 11.97 2.68
CA ASN A 68 18.26 12.14 3.81
C ASN A 68 18.41 13.56 4.34
N GLN A 69 17.57 14.46 3.83
CA GLN A 69 17.53 15.87 4.21
C GLN A 69 18.92 16.50 4.08
N GLY A 70 19.44 16.49 2.86
CA GLY A 70 20.72 17.10 2.58
C GLY A 70 21.93 16.30 3.02
N GLN A 71 21.76 15.01 3.31
CA GLN A 71 22.85 14.15 3.74
C GLN A 71 22.84 12.90 2.88
N VAL A 72 24.03 12.45 2.48
CA VAL A 72 24.20 11.27 1.64
C VAL A 72 24.49 10.07 2.53
N VAL A 73 23.66 9.02 2.41
CA VAL A 73 23.79 7.81 3.21
C VAL A 73 23.96 6.62 2.27
N GLU A 74 24.90 5.74 2.61
CA GLU A 74 25.20 4.58 1.78
C GLU A 74 24.67 3.27 2.33
N TYR A 75 24.30 3.21 3.61
CA TYR A 75 23.64 2.03 4.18
C TYR A 75 23.09 2.41 5.55
N ILE A 76 22.25 1.52 6.08
CA ILE A 76 21.71 1.62 7.44
C ILE A 76 21.68 0.22 8.02
N ASP A 77 22.15 0.06 9.25
CA ASP A 77 22.20 -1.24 9.91
C ASP A 77 21.07 -1.32 10.93
N TYR A 78 20.11 -2.21 10.68
CA TYR A 78 18.95 -2.35 11.55
C TYR A 78 19.13 -3.55 12.48
N GLU A 79 18.79 -3.36 13.74
CA GLU A 79 18.87 -4.39 14.76
C GLU A 79 17.51 -4.55 15.42
N ALA A 80 17.12 -5.80 15.65
CA ALA A 80 15.87 -6.07 16.33
C ALA A 80 15.95 -7.44 16.95
N PHE A 81 15.47 -7.55 18.17
CA PHE A 81 15.32 -8.84 18.82
C PHE A 81 13.95 -9.40 18.46
N ALA A 82 13.93 -10.40 17.58
CA ALA A 82 12.69 -10.88 16.99
C ALA A 82 11.56 -11.14 17.99
N PRO A 83 11.80 -11.81 19.13
CA PRO A 83 10.68 -12.02 20.07
C PRO A 83 10.06 -10.75 20.59
N MET A 84 10.87 -9.74 20.95
CA MET A 84 10.31 -8.51 21.49
C MET A 84 9.68 -7.64 20.40
N ALA A 85 10.31 -7.58 19.22
CA ALA A 85 9.76 -6.77 18.14
C ALA A 85 8.44 -7.35 17.64
N GLU A 86 8.36 -8.68 17.49
CA GLU A 86 7.14 -9.31 16.97
C GLU A 86 6.00 -9.24 17.98
N LYS A 87 6.29 -9.34 19.28
CA LYS A 87 5.26 -9.12 20.28
C LYS A 87 4.68 -7.70 20.19
N VAL A 88 5.52 -6.71 19.87
CA VAL A 88 5.00 -5.37 19.66
C VAL A 88 4.11 -5.32 18.44
N MET A 89 4.52 -6.00 17.35
CA MET A 89 3.72 -6.02 16.13
C MET A 89 2.35 -6.63 16.36
N ARG A 90 2.30 -7.75 17.06
CA ARG A 90 1.02 -8.41 17.32
C ARG A 90 0.12 -7.54 18.19
N GLU A 91 0.71 -6.82 19.15
CA GLU A 91 -0.08 -5.87 19.93
C GLU A 91 -0.55 -4.70 19.06
N ALA A 92 0.29 -4.28 18.11
CA ALA A 92 -0.14 -3.24 17.17
C ALA A 92 -1.33 -3.73 16.35
N ALA A 93 -1.27 -4.96 15.86
CA ALA A 93 -2.36 -5.49 15.05
C ALA A 93 -3.66 -5.54 15.84
N ALA A 94 -3.59 -5.88 17.13
CA ALA A 94 -4.80 -5.95 17.95
C ALA A 94 -5.35 -4.55 18.24
N LEU A 95 -4.48 -3.57 18.44
CA LEU A 95 -4.94 -2.21 18.61
C LEU A 95 -5.60 -1.69 17.32
N ALA A 96 -5.04 -2.02 16.17
CA ALA A 96 -5.64 -1.62 14.90
C ALA A 96 -7.03 -2.23 14.75
N ARG A 97 -7.18 -3.50 15.12
CA ARG A 97 -8.49 -4.14 15.07
C ARG A 97 -9.48 -3.51 16.04
N GLU A 98 -9.01 -3.13 17.23
CA GLU A 98 -9.88 -2.45 18.18
C GLU A 98 -10.40 -1.13 17.60
N ARG A 99 -9.57 -0.43 16.84
CA ARG A 99 -9.98 0.85 16.27
C ARG A 99 -10.79 0.70 14.99
N HIS A 100 -10.48 -0.29 14.15
CA HIS A 100 -11.01 -0.31 12.79
C HIS A 100 -11.76 -1.59 12.43
N GLY A 101 -11.86 -2.56 13.34
CA GLY A 101 -12.71 -3.72 13.12
C GLY A 101 -11.99 -4.90 12.50
N GLU A 102 -12.70 -5.69 11.70
CA GLU A 102 -12.14 -6.91 11.14
C GLU A 102 -11.05 -6.57 10.12
N LEU A 103 -9.89 -7.21 10.29
CA LEU A 103 -8.71 -6.97 9.46
C LEU A 103 -7.88 -8.25 9.35
N ARG A 104 -7.19 -8.39 8.23
CA ARG A 104 -5.99 -9.22 8.13
C ARG A 104 -4.80 -8.28 8.10
N VAL A 105 -3.74 -8.61 8.83
CA VAL A 105 -2.64 -7.69 9.05
C VAL A 105 -1.32 -8.38 8.72
N TRP A 106 -0.49 -7.68 7.96
CA TRP A 106 0.85 -8.14 7.60
C TRP A 106 1.83 -7.06 8.05
N ILE A 107 2.78 -7.43 8.89
CA ILE A 107 3.84 -6.52 9.32
C ILE A 107 5.16 -7.28 9.25
N GLU A 108 6.14 -6.73 8.54
CA GLU A 108 7.49 -7.25 8.57
C GLU A 108 8.49 -6.11 8.72
N HIS A 109 9.59 -6.38 9.42
CA HIS A 109 10.71 -5.46 9.50
C HIS A 109 11.98 -6.26 9.22
N ARG A 110 12.84 -5.71 8.37
CA ARG A 110 14.07 -6.38 8.00
C ARG A 110 15.22 -5.92 8.89
N THR A 111 16.15 -6.83 9.14
CA THR A 111 17.35 -6.54 9.90
C THR A 111 18.59 -6.61 9.02
N GLY A 112 19.66 -5.98 9.47
CA GLY A 112 20.94 -6.05 8.80
C GLY A 112 21.33 -4.74 8.16
N ARG A 113 22.40 -4.81 7.36
CA ARG A 113 22.87 -3.67 6.59
C ARG A 113 22.07 -3.56 5.30
N LEU A 114 21.44 -2.42 5.07
CA LEU A 114 20.51 -2.23 3.97
C LEU A 114 20.96 -1.08 3.08
N THR A 115 21.17 -1.38 1.80
CA THR A 115 21.58 -0.37 0.83
C THR A 115 20.38 0.50 0.46
N PRO A 116 20.63 1.67 -0.15
CA PRO A 116 19.52 2.52 -0.56
C PRO A 116 18.52 1.80 -1.48
N ALA A 117 17.26 2.24 -1.41
CA ALA A 117 16.12 1.71 -2.14
C ALA A 117 15.75 0.29 -1.73
N VAL A 118 16.24 -0.19 -0.59
CA VAL A 118 15.91 -1.52 -0.09
C VAL A 118 14.92 -1.37 1.05
N ALA A 119 13.90 -2.22 1.07
CA ALA A 119 12.81 -2.09 2.04
C ALA A 119 13.25 -2.55 3.43
N SER A 120 13.01 -1.69 4.42
CA SER A 120 13.21 -2.04 5.82
C SER A 120 11.94 -2.45 6.53
N ILE A 121 10.78 -1.97 6.08
CA ILE A 121 9.51 -2.28 6.74
C ILE A 121 8.43 -2.39 5.67
N VAL A 122 7.55 -3.37 5.84
CA VAL A 122 6.34 -3.48 5.02
C VAL A 122 5.17 -3.68 5.97
N ILE A 123 4.11 -2.91 5.76
CA ILE A 123 2.86 -3.00 6.51
C ILE A 123 1.74 -3.18 5.49
N GLY A 124 0.93 -4.22 5.67
CA GLY A 124 -0.25 -4.38 4.82
C GLY A 124 -1.47 -4.74 5.64
N VAL A 125 -2.62 -4.21 5.26
CA VAL A 125 -3.89 -4.42 5.94
C VAL A 125 -4.95 -4.69 4.89
N ALA A 126 -5.76 -5.71 5.11
CA ALA A 126 -6.91 -6.02 4.27
C ALA A 126 -8.17 -5.95 5.13
N SER A 127 -9.26 -5.48 4.54
CA SER A 127 -10.52 -5.37 5.26
C SER A 127 -11.64 -5.44 4.25
N PRO A 128 -12.88 -5.66 4.71
CA PRO A 128 -14.00 -5.59 3.76
C PRO A 128 -13.98 -4.34 2.89
N HIS A 129 -13.79 -3.16 3.49
CA HIS A 129 -13.98 -1.89 2.79
C HIS A 129 -12.73 -1.01 2.88
N ARG A 130 -12.61 -0.05 1.95
CA ARG A 130 -11.37 0.69 1.80
C ARG A 130 -11.07 1.58 3.00
N ARG A 131 -12.08 2.24 3.56
CA ARG A 131 -11.75 3.27 4.54
C ARG A 131 -11.14 2.65 5.81
N PRO A 132 -11.67 1.54 6.35
CA PRO A 132 -10.96 0.89 7.47
C PRO A 132 -9.54 0.45 7.13
N ALA A 133 -9.30 -0.09 5.94
CA ALA A 133 -7.97 -0.52 5.55
C ALA A 133 -7.00 0.66 5.48
N LEU A 134 -7.45 1.77 4.90
CA LEU A 134 -6.59 2.95 4.80
C LEU A 134 -6.26 3.51 6.18
N GLU A 135 -7.27 3.63 7.06
CA GLU A 135 -7.02 4.13 8.41
C GLU A 135 -6.14 3.18 9.21
N ALA A 136 -6.36 1.86 9.08
CA ALA A 136 -5.59 0.91 9.86
C ALA A 136 -4.13 0.91 9.44
N CYS A 137 -3.87 1.01 8.13
CA CYS A 137 -2.48 1.11 7.68
C CYS A 137 -1.85 2.38 8.20
N ASP A 138 -2.55 3.51 8.12
CA ASP A 138 -2.07 4.78 8.64
C ASP A 138 -1.76 4.66 10.13
N PHE A 139 -2.66 4.07 10.90
CA PHE A 139 -2.43 3.93 12.33
C PHE A 139 -1.19 3.07 12.60
N LEU A 140 -1.05 1.95 11.88
CA LEU A 140 0.04 1.02 12.17
C LEU A 140 1.41 1.67 11.95
N ILE A 141 1.58 2.37 10.83
CA ILE A 141 2.91 2.93 10.56
C ILE A 141 3.27 3.99 11.61
N GLU A 142 2.31 4.83 12.01
CA GLU A 142 2.61 5.85 13.01
C GLU A 142 2.80 5.22 14.38
N HIS A 143 1.98 4.23 14.72
CA HIS A 143 2.13 3.52 16.00
C HIS A 143 3.46 2.79 16.08
N LEU A 144 3.85 2.08 15.02
CA LEU A 144 5.06 1.26 15.08
C LEU A 144 6.31 2.11 15.08
N LYS A 145 6.28 3.29 14.43
CA LYS A 145 7.42 4.21 14.49
C LYS A 145 7.72 4.62 15.93
N ILE A 146 6.71 4.66 16.79
CA ILE A 146 6.90 4.98 18.20
C ILE A 146 7.25 3.75 19.02
N GLU A 147 6.54 2.64 18.82
CA GLU A 147 6.62 1.51 19.73
C GLU A 147 7.57 0.40 19.29
N LEU A 148 8.00 0.36 18.03
CA LEU A 148 8.83 -0.77 17.60
C LEU A 148 10.22 -0.67 18.19
N PRO A 149 10.68 -1.66 18.97
CA PRO A 149 12.05 -1.62 19.46
C PRO A 149 13.05 -1.95 18.36
N ILE A 150 13.29 -0.98 17.49
CA ILE A 150 14.28 -1.09 16.43
C ILE A 150 15.45 -0.18 16.78
N TRP A 151 16.66 -0.69 16.60
CA TRP A 151 17.88 0.10 16.76
C TRP A 151 18.59 0.13 15.42
N LYS A 152 19.07 1.30 15.03
CA LYS A 152 19.67 1.46 13.72
C LYS A 152 20.97 2.25 13.82
N HIS A 153 21.89 1.94 12.91
CA HIS A 153 23.12 2.70 12.72
C HIS A 153 23.16 3.14 11.26
N GLU A 154 23.17 4.44 11.04
CA GLU A 154 23.25 5.00 9.70
C GLU A 154 24.70 5.36 9.37
N ALA A 155 25.08 5.13 8.11
CA ALA A 155 26.44 5.44 7.64
C ALA A 155 26.43 6.85 7.08
N ASP A 156 26.77 7.82 7.93
CA ASP A 156 26.88 9.22 7.51
C ASP A 156 28.32 9.70 7.44
N GLY A 157 29.29 8.78 7.49
CA GLY A 157 30.67 9.15 7.68
C GLY A 157 31.01 9.62 9.07
N ARG A 158 30.05 9.62 9.99
CA ARG A 158 30.23 10.13 11.35
C ARG A 158 30.28 8.99 12.38
N GLY A 159 30.88 7.86 12.01
CA GLY A 159 31.12 6.79 12.95
C GLY A 159 29.92 5.90 13.21
N GLU A 160 30.15 4.90 14.06
CA GLU A 160 29.12 3.93 14.43
C GLU A 160 28.34 4.45 15.64
N HIS A 161 27.01 4.45 15.51
CA HIS A 161 26.13 4.95 16.55
C HIS A 161 24.76 4.29 16.38
N TRP A 162 24.24 3.72 17.45
CA TRP A 162 22.99 2.96 17.38
C TRP A 162 21.88 3.73 18.09
N VAL A 163 20.83 4.05 17.33
CA VAL A 163 19.75 4.94 17.78
C VAL A 163 18.44 4.18 17.69
N LYS A 164 17.56 4.39 18.68
CA LYS A 164 16.27 3.71 18.75
C LYS A 164 15.24 4.25 17.77
N GLY A 165 15.59 5.22 16.92
CA GLY A 165 14.65 5.81 15.98
C GLY A 165 13.93 4.81 15.08
N ASP B 30 7.92 10.00 -14.29
CA ASP B 30 7.47 10.12 -12.90
C ASP B 30 6.02 9.72 -12.66
N THR B 31 5.28 9.46 -13.73
CA THR B 31 3.85 9.16 -13.61
C THR B 31 3.53 8.03 -14.57
N HIS B 32 2.74 7.07 -14.08
CA HIS B 32 2.26 5.95 -14.89
C HIS B 32 0.77 5.79 -14.65
N CYS B 33 -0.03 5.92 -15.71
CA CYS B 33 -1.49 5.84 -15.62
C CYS B 33 -1.98 5.01 -16.78
N ARG B 34 -2.75 3.97 -16.50
CA ARG B 34 -3.10 3.02 -17.55
C ARG B 34 -4.43 2.36 -17.22
N VAL B 35 -5.26 2.20 -18.23
CA VAL B 35 -6.44 1.33 -18.16
C VAL B 35 -6.14 0.11 -19.01
N THR B 36 -6.41 -1.08 -18.48
CA THR B 36 -6.02 -2.31 -19.15
C THR B 36 -7.02 -3.40 -18.84
N ALA B 37 -7.10 -4.38 -19.73
CA ALA B 37 -7.85 -5.60 -19.43
C ALA B 37 -6.98 -6.69 -18.80
N ASP B 38 -5.68 -6.47 -18.70
CA ASP B 38 -4.77 -7.47 -18.14
C ASP B 38 -4.72 -7.36 -16.61
N PRO B 39 -4.28 -8.42 -15.92
CA PRO B 39 -4.17 -8.35 -14.47
C PRO B 39 -3.26 -7.21 -13.99
N LEU B 40 -3.65 -6.62 -12.87
CA LEU B 40 -2.86 -5.59 -12.20
C LEU B 40 -1.87 -6.22 -11.24
N SER B 41 -0.70 -5.61 -11.13
CA SER B 41 0.40 -6.18 -10.35
C SER B 41 0.91 -5.15 -9.36
N LEU B 42 0.95 -5.51 -8.07
CA LEU B 42 1.64 -4.68 -7.09
C LEU B 42 3.14 -4.63 -7.40
N SER B 43 3.71 -5.79 -7.73
CA SER B 43 5.16 -5.86 -7.90
C SER B 43 5.61 -5.02 -9.09
N GLU B 44 4.74 -4.87 -10.10
CA GLU B 44 5.06 -3.96 -11.20
C GLU B 44 5.02 -2.51 -10.75
N ALA B 45 4.00 -2.13 -9.95
CA ALA B 45 3.98 -0.78 -9.39
C ALA B 45 5.24 -0.51 -8.59
N ASP B 46 5.66 -1.46 -7.75
CA ASP B 46 6.85 -1.26 -6.93
C ASP B 46 8.09 -1.04 -7.77
N ALA B 47 8.22 -1.80 -8.87
CA ALA B 47 9.38 -1.66 -9.75
C ALA B 47 9.46 -0.26 -10.33
N PHE B 48 8.30 0.34 -10.65
CA PHE B 48 8.26 1.70 -11.19
C PHE B 48 8.54 2.76 -10.14
N LEU B 49 8.04 2.57 -8.91
CA LEU B 49 8.04 3.64 -7.93
C LEU B 49 9.39 3.79 -7.22
N VAL B 50 10.04 2.67 -6.88
CA VAL B 50 11.10 2.74 -5.88
C VAL B 50 12.33 3.39 -6.49
N LYS B 51 12.81 4.45 -5.84
CA LYS B 51 14.01 5.19 -6.21
C LYS B 51 14.75 5.54 -4.92
N PRO B 52 16.09 5.61 -4.96
CA PRO B 52 16.83 5.81 -3.70
C PRO B 52 16.42 7.06 -2.94
N GLU B 53 15.99 8.11 -3.61
CA GLU B 53 15.63 9.34 -2.93
C GLU B 53 14.20 9.33 -2.37
N TYR B 54 13.42 8.28 -2.65
CA TYR B 54 12.05 8.18 -2.16
C TYR B 54 12.00 7.08 -1.10
N GLY B 55 12.07 7.48 0.16
CA GLY B 55 12.11 6.51 1.23
C GLY B 55 10.78 5.97 1.69
N ALA B 56 9.69 6.33 1.02
CA ALA B 56 8.36 5.90 1.44
C ALA B 56 7.50 5.59 0.23
N GLN B 57 6.73 4.51 0.33
CA GLN B 57 5.77 4.14 -0.70
C GLN B 57 4.48 3.70 -0.04
N ALA B 58 3.36 4.17 -0.58
CA ALA B 58 2.05 3.83 -0.05
C ALA B 58 1.21 3.30 -1.20
N TYR B 59 0.45 2.23 -0.93
CA TYR B 59 -0.30 1.52 -1.97
C TYR B 59 -1.74 1.32 -1.54
N PHE B 60 -2.62 1.29 -2.52
CA PHE B 60 -3.98 0.81 -2.30
C PHE B 60 -4.33 -0.14 -3.42
N MET B 61 -4.97 -1.25 -3.07
CA MET B 61 -5.53 -2.17 -4.05
C MET B 61 -6.98 -2.43 -3.73
N GLY B 62 -7.85 -2.29 -4.73
CA GLY B 62 -9.25 -2.67 -4.61
C GLY B 62 -9.48 -3.96 -5.39
N THR B 63 -10.09 -4.93 -4.72
CA THR B 63 -10.37 -6.24 -5.28
C THR B 63 -11.87 -6.50 -5.23
N VAL B 64 -12.33 -7.38 -6.13
CA VAL B 64 -13.76 -7.71 -6.18
C VAL B 64 -14.16 -8.42 -4.91
N ARG B 65 -15.19 -7.91 -4.24
CA ARG B 65 -15.58 -8.39 -2.93
C ARG B 65 -16.78 -9.32 -3.04
N SER B 66 -16.69 -10.49 -2.41
CA SER B 66 -17.83 -11.39 -2.27
C SER B 66 -17.75 -12.01 -0.87
N PRO B 67 -18.84 -11.99 -0.10
CA PRO B 67 -20.13 -11.42 -0.47
C PRO B 67 -20.13 -9.89 -0.32
N ASN B 68 -21.07 -9.22 -0.97
CA ASN B 68 -21.23 -7.78 -0.86
C ASN B 68 -22.70 -7.45 -0.64
N GLN B 69 -22.97 -6.59 0.34
CA GLN B 69 -24.35 -6.23 0.70
C GLN B 69 -25.20 -7.46 1.02
N GLY B 70 -24.55 -8.52 1.50
CA GLY B 70 -25.25 -9.73 1.90
C GLY B 70 -25.50 -10.76 0.82
N GLN B 71 -25.03 -10.54 -0.41
CA GLN B 71 -25.26 -11.48 -1.50
C GLN B 71 -23.95 -11.91 -2.13
N VAL B 72 -23.95 -13.11 -2.71
CA VAL B 72 -22.76 -13.62 -3.38
C VAL B 72 -22.56 -12.86 -4.68
N VAL B 73 -21.33 -12.44 -4.94
CA VAL B 73 -20.96 -11.78 -6.18
C VAL B 73 -20.20 -12.78 -7.03
N GLU B 74 -20.74 -13.07 -8.22
CA GLU B 74 -20.06 -13.98 -9.14
C GLU B 74 -18.97 -13.27 -9.91
N TYR B 75 -19.22 -12.03 -10.32
CA TYR B 75 -18.23 -11.20 -11.00
C TYR B 75 -18.72 -9.76 -10.99
N ILE B 76 -17.81 -8.85 -11.32
CA ILE B 76 -18.14 -7.46 -11.64
C ILE B 76 -17.58 -7.15 -13.01
N ASP B 77 -18.45 -6.74 -13.93
CA ASP B 77 -18.03 -6.25 -15.23
C ASP B 77 -17.66 -4.77 -15.11
N TYR B 78 -16.40 -4.45 -15.40
CA TYR B 78 -15.95 -3.07 -15.43
C TYR B 78 -15.80 -2.61 -16.88
N GLU B 79 -16.29 -1.42 -17.18
CA GLU B 79 -16.18 -0.82 -18.50
C GLU B 79 -15.70 0.61 -18.36
N ALA B 80 -14.75 1.01 -19.20
CA ALA B 80 -14.16 2.34 -19.08
C ALA B 80 -13.94 2.94 -20.46
N PHE B 81 -14.09 4.26 -20.53
CA PHE B 81 -13.61 5.03 -21.68
C PHE B 81 -12.12 5.22 -21.45
N ALA B 82 -11.32 4.32 -22.01
CA ALA B 82 -9.88 4.28 -21.70
C ALA B 82 -9.17 5.62 -21.89
N PRO B 83 -9.30 6.32 -23.02
CA PRO B 83 -8.55 7.59 -23.14
C PRO B 83 -9.02 8.64 -22.15
N MET B 84 -10.33 8.78 -21.97
CA MET B 84 -10.84 9.75 -21.00
C MET B 84 -10.39 9.37 -19.57
N ALA B 85 -10.45 8.09 -19.23
CA ALA B 85 -10.09 7.67 -17.88
C ALA B 85 -8.61 7.92 -17.58
N GLU B 86 -7.73 7.66 -18.55
CA GLU B 86 -6.31 7.88 -18.33
C GLU B 86 -5.98 9.36 -18.20
N LYS B 87 -6.71 10.24 -18.89
CA LYS B 87 -6.54 11.67 -18.70
C LYS B 87 -6.94 12.10 -17.30
N VAL B 88 -8.06 11.57 -16.80
CA VAL B 88 -8.46 11.84 -15.42
C VAL B 88 -7.38 11.38 -14.45
N MET B 89 -6.75 10.23 -14.72
CA MET B 89 -5.71 9.73 -13.82
C MET B 89 -4.51 10.68 -13.79
N ARG B 90 -4.12 11.22 -14.94
CA ARG B 90 -2.97 12.11 -14.98
C ARG B 90 -3.29 13.44 -14.31
N GLU B 91 -4.52 13.93 -14.46
CA GLU B 91 -4.91 15.14 -13.75
C GLU B 91 -4.99 14.89 -12.25
N ALA B 92 -5.38 13.67 -11.85
CA ALA B 92 -5.39 13.33 -10.43
C ALA B 92 -3.98 13.31 -9.86
N ALA B 93 -3.02 12.76 -10.63
CA ALA B 93 -1.64 12.77 -10.17
C ALA B 93 -1.11 14.19 -10.04
N ALA B 94 -1.50 15.08 -10.97
CA ALA B 94 -1.09 16.48 -10.85
C ALA B 94 -1.71 17.13 -9.63
N LEU B 95 -2.99 16.82 -9.34
CA LEU B 95 -3.61 17.37 -8.13
C LEU B 95 -2.92 16.86 -6.87
N ALA B 96 -2.50 15.58 -6.90
CA ALA B 96 -1.83 15.00 -5.74
C ALA B 96 -0.52 15.74 -5.44
N ARG B 97 0.25 16.05 -6.47
CA ARG B 97 1.48 16.81 -6.28
C ARG B 97 1.22 18.22 -5.77
N GLU B 98 0.14 18.88 -6.23
CA GLU B 98 -0.17 20.22 -5.71
C GLU B 98 -0.29 20.20 -4.20
N ARG B 99 -0.92 19.16 -3.67
CA ARG B 99 -1.20 19.03 -2.24
C ARG B 99 -0.03 18.44 -1.46
N HIS B 100 0.75 17.55 -2.05
CA HIS B 100 1.73 16.81 -1.26
C HIS B 100 3.15 16.86 -1.81
N GLY B 101 3.42 17.68 -2.81
CA GLY B 101 4.80 17.89 -3.24
C GLY B 101 5.31 16.85 -4.23
N GLU B 102 6.62 16.63 -4.19
CA GLU B 102 7.27 15.71 -5.13
C GLU B 102 6.79 14.28 -4.90
N LEU B 103 6.34 13.63 -5.97
CA LEU B 103 5.83 12.27 -5.91
C LEU B 103 6.16 11.53 -7.20
N ARG B 104 6.34 10.21 -7.08
CA ARG B 104 6.16 9.27 -8.19
C ARG B 104 4.80 8.61 -8.00
N VAL B 105 4.00 8.56 -9.07
CA VAL B 105 2.61 8.14 -8.99
C VAL B 105 2.34 7.03 -9.98
N TRP B 106 1.65 5.98 -9.52
CA TRP B 106 1.26 4.83 -10.35
C TRP B 106 -0.23 4.61 -10.17
N ILE B 107 -0.97 4.58 -11.27
CA ILE B 107 -2.41 4.32 -11.21
C ILE B 107 -2.76 3.38 -12.35
N GLU B 108 -3.44 2.28 -12.02
CA GLU B 108 -4.00 1.42 -13.05
C GLU B 108 -5.39 0.98 -12.63
N HIS B 109 -6.27 0.86 -13.62
CA HIS B 109 -7.61 0.32 -13.42
C HIS B 109 -7.83 -0.77 -14.45
N ARG B 110 -8.42 -1.88 -14.02
CA ARG B 110 -8.69 -2.99 -14.91
C ARG B 110 -10.13 -2.95 -15.42
N THR B 111 -10.33 -3.46 -16.63
CA THR B 111 -11.66 -3.56 -17.24
C THR B 111 -12.01 -5.02 -17.48
N GLY B 112 -13.27 -5.26 -17.86
CA GLY B 112 -13.74 -6.60 -18.14
C GLY B 112 -14.38 -7.28 -16.94
N ARG B 113 -14.57 -8.59 -17.09
CA ARG B 113 -15.31 -9.40 -16.11
C ARG B 113 -14.33 -9.94 -15.08
N LEU B 114 -14.45 -9.45 -13.84
CA LEU B 114 -13.49 -9.71 -12.78
C LEU B 114 -14.19 -10.50 -11.68
N THR B 115 -13.59 -11.62 -11.29
CA THR B 115 -14.14 -12.51 -10.29
C THR B 115 -13.61 -12.13 -8.92
N PRO B 116 -14.19 -12.68 -7.83
CA PRO B 116 -13.78 -12.26 -6.49
C PRO B 116 -12.29 -12.41 -6.21
N ALA B 117 -11.75 -11.44 -5.46
CA ALA B 117 -10.35 -11.32 -5.09
C ALA B 117 -9.45 -10.88 -6.24
N VAL B 118 -10.00 -10.50 -7.39
CA VAL B 118 -9.22 -10.01 -8.51
C VAL B 118 -9.16 -8.49 -8.42
N ALA B 119 -7.97 -7.92 -8.59
CA ALA B 119 -7.79 -6.49 -8.42
C ALA B 119 -8.40 -5.70 -9.57
N SER B 120 -9.20 -4.70 -9.22
CA SER B 120 -9.72 -3.77 -10.22
C SER B 120 -8.98 -2.46 -10.25
N ILE B 121 -8.29 -2.07 -9.17
CA ILE B 121 -7.57 -0.80 -9.16
C ILE B 121 -6.35 -0.96 -8.30
N VAL B 122 -5.24 -0.37 -8.74
CA VAL B 122 -4.01 -0.31 -7.96
C VAL B 122 -3.49 1.11 -8.02
N ILE B 123 -3.23 1.68 -6.84
CA ILE B 123 -2.65 3.01 -6.72
C ILE B 123 -1.37 2.88 -5.91
N GLY B 124 -0.30 3.51 -6.39
CA GLY B 124 0.94 3.54 -5.65
C GLY B 124 1.57 4.91 -5.74
N VAL B 125 2.18 5.37 -4.65
CA VAL B 125 2.80 6.68 -4.56
C VAL B 125 4.11 6.53 -3.81
N ALA B 126 5.19 7.07 -4.36
CA ALA B 126 6.46 7.17 -3.64
C ALA B 126 6.78 8.65 -3.42
N SER B 127 7.31 8.96 -2.24
CA SER B 127 7.73 10.32 -1.92
C SER B 127 8.97 10.26 -1.04
N PRO B 128 9.68 11.39 -0.89
CA PRO B 128 10.80 11.40 0.06
C PRO B 128 10.41 10.90 1.45
N HIS B 129 9.29 11.38 2.00
CA HIS B 129 8.91 11.05 3.37
C HIS B 129 7.53 10.40 3.41
N ARG B 130 7.20 9.86 4.58
CA ARG B 130 6.09 8.91 4.66
C ARG B 130 4.73 9.61 4.65
N ARG B 131 4.60 10.75 5.33
CA ARG B 131 3.30 11.44 5.40
C ARG B 131 2.76 11.82 4.02
N PRO B 132 3.52 12.46 3.13
CA PRO B 132 2.98 12.76 1.80
C PRO B 132 2.62 11.51 1.01
N ALA B 133 3.40 10.42 1.11
CA ALA B 133 3.07 9.19 0.38
C ALA B 133 1.73 8.63 0.83
N LEU B 134 1.52 8.53 2.15
CA LEU B 134 0.29 7.94 2.68
C LEU B 134 -0.93 8.78 2.36
N GLU B 135 -0.84 10.10 2.57
CA GLU B 135 -1.97 10.97 2.31
C GLU B 135 -2.23 11.14 0.82
N ALA B 136 -1.19 11.11 -0.02
CA ALA B 136 -1.43 11.24 -1.46
C ALA B 136 -2.12 10.00 -2.00
N CYS B 137 -1.72 8.82 -1.53
CA CYS B 137 -2.42 7.59 -1.92
C CYS B 137 -3.88 7.65 -1.49
N ASP B 138 -4.12 8.03 -0.24
CA ASP B 138 -5.48 8.18 0.27
C ASP B 138 -6.26 9.20 -0.54
N PHE B 139 -5.64 10.35 -0.85
CA PHE B 139 -6.29 11.34 -1.69
C PHE B 139 -6.66 10.77 -3.05
N LEU B 140 -5.73 10.01 -3.65
CA LEU B 140 -5.93 9.53 -5.02
C LEU B 140 -7.11 8.57 -5.10
N ILE B 141 -7.24 7.64 -4.13
CA ILE B 141 -8.34 6.67 -4.21
C ILE B 141 -9.68 7.39 -4.01
N GLU B 142 -9.75 8.33 -3.07
CA GLU B 142 -11.02 9.05 -2.89
C GLU B 142 -11.33 9.92 -4.10
N HIS B 143 -10.32 10.58 -4.66
CA HIS B 143 -10.54 11.43 -5.84
C HIS B 143 -11.01 10.59 -7.02
N LEU B 144 -10.33 9.48 -7.28
CA LEU B 144 -10.64 8.66 -8.44
C LEU B 144 -11.97 7.95 -8.29
N LYS B 145 -12.38 7.62 -7.05
CA LYS B 145 -13.70 7.04 -6.84
C LYS B 145 -14.81 7.95 -7.35
N ILE B 146 -14.56 9.26 -7.39
CA ILE B 146 -15.55 10.24 -7.86
C ILE B 146 -15.39 10.54 -9.34
N GLU B 147 -14.16 10.69 -9.84
CA GLU B 147 -13.95 11.29 -11.14
C GLU B 147 -13.73 10.29 -12.27
N LEU B 148 -13.43 9.04 -11.99
CA LEU B 148 -13.08 8.12 -13.08
C LEU B 148 -14.31 7.78 -13.91
N PRO B 149 -14.26 7.94 -15.24
CA PRO B 149 -15.39 7.52 -16.08
C PRO B 149 -15.38 6.00 -16.29
N ILE B 150 -15.64 5.28 -15.20
CA ILE B 150 -15.65 3.84 -15.21
C ILE B 150 -16.97 3.36 -14.65
N TRP B 151 -17.62 2.44 -15.35
CA TRP B 151 -18.94 1.98 -14.98
C TRP B 151 -18.87 0.49 -14.67
N LYS B 152 -19.58 0.06 -13.64
CA LYS B 152 -19.49 -1.31 -13.19
C LYS B 152 -20.88 -1.93 -13.07
N HIS B 153 -20.91 -3.25 -13.24
CA HIS B 153 -22.12 -4.03 -13.03
C HIS B 153 -21.73 -5.27 -12.25
N GLU B 154 -22.10 -5.30 -10.96
CA GLU B 154 -21.90 -6.48 -10.14
C GLU B 154 -22.99 -7.50 -10.43
N ALA B 155 -22.58 -8.75 -10.67
CA ALA B 155 -23.53 -9.85 -10.84
C ALA B 155 -23.81 -10.47 -9.47
N ASP B 156 -24.64 -9.77 -8.70
CA ASP B 156 -25.05 -10.22 -7.37
C ASP B 156 -26.43 -10.87 -7.38
N GLY B 157 -26.90 -11.31 -8.54
CA GLY B 157 -28.19 -11.95 -8.66
C GLY B 157 -29.38 -11.03 -8.60
N ARG B 158 -29.18 -9.72 -8.68
CA ARG B 158 -30.26 -8.74 -8.61
C ARG B 158 -30.48 -8.04 -9.95
N GLY B 159 -30.28 -8.75 -11.06
CA GLY B 159 -30.45 -8.17 -12.37
C GLY B 159 -29.30 -7.25 -12.76
N GLU B 160 -29.37 -6.77 -14.00
CA GLU B 160 -28.35 -5.86 -14.51
C GLU B 160 -28.58 -4.45 -13.99
N HIS B 161 -27.49 -3.79 -13.58
CA HIS B 161 -27.58 -2.45 -12.99
C HIS B 161 -26.17 -1.85 -13.03
N TRP B 162 -25.95 -0.93 -13.95
CA TRP B 162 -24.64 -0.31 -14.13
C TRP B 162 -24.56 0.97 -13.30
N VAL B 163 -23.47 1.11 -12.55
CA VAL B 163 -23.29 2.21 -11.60
C VAL B 163 -21.96 2.89 -11.89
N LYS B 164 -21.92 4.21 -11.75
CA LYS B 164 -20.68 4.95 -11.93
C LYS B 164 -19.63 4.63 -10.87
N GLY B 165 -19.96 3.80 -9.88
CA GLY B 165 -19.04 3.45 -8.81
C GLY B 165 -17.70 2.87 -9.23
S SO4 C . -15.12 0.11 -0.84
O1 SO4 C . -15.43 0.78 0.42
O2 SO4 C . -14.58 1.07 -1.81
O3 SO4 C . -16.34 -0.49 -1.38
O4 SO4 C . -14.11 -0.94 -0.63
S SO4 D . 10.16 9.25 7.01
O1 SO4 D . 11.47 9.90 7.16
O2 SO4 D . 9.12 10.23 7.21
O3 SO4 D . 10.08 8.67 5.67
O4 SO4 D . 10.02 8.17 7.99
#